data_2HTQ
#
_entry.id   2HTQ
#
_cell.length_a   90.400
_cell.length_b   90.400
_cell.length_c   109.320
_cell.angle_alpha   90.00
_cell.angle_beta   90.00
_cell.angle_gamma   90.00
#
_symmetry.space_group_name_H-M   'I 4'
#
loop_
_entity.id
_entity.type
_entity.pdbx_description
1 polymer Neuraminidase
2 non-polymer ZANAMIVIR
3 water water
#
_entity_poly.entity_id   1
_entity_poly.type   'polypeptide(L)'
_entity_poly.pdbx_seq_one_letter_code
;TYMNNTEAICDAKGFAPFSKDNGIRIGSRGHIFVIREPFVSCSPIECRTFFLTQGSLLNDKHSNGTVKDRSPFRTLMSVE
VGQSPNVYQARFEAVAWSATACHDGKKWMTVGVTGPDSKAVAVIHYGGVPTDVVNSWAGDILRTQESSCTCIQGDCYWVM
TDGPANRQAQYRIYKANQGRIIGQTDISFNGGHIEECSCYPNDGKVECVCRDGWTGTNRPVLVISPDLSYRVGYLCAGIP
SDTPRGEDTQFTGSCTSPMGNQGYGVKGFGFRQGTDVWMGRTISRTSRSGFEILRIKNGWTQTSKEQIRKQVVVDNLNWS
GYSGSFTLPVELSGKDCLVPCFWVEMIRGKPEEKTIWTSSSSIVMCGVDYEVADWSWHDGAILPFDIDKM
;
_entity_poly.pdbx_strand_id   A
#
# COMPACT_ATOMS: atom_id res chain seq x y z
N THR A 1 -0.28 18.72 19.08
CA THR A 1 -0.52 17.57 20.00
C THR A 1 -0.78 16.28 19.22
N TYR A 2 -0.82 15.16 19.94
CA TYR A 2 -1.00 13.83 19.36
C TYR A 2 -2.36 13.45 18.81
N MET A 3 -2.33 12.54 17.84
CA MET A 3 -3.54 12.04 17.21
C MET A 3 -3.97 10.70 17.83
N ASN A 4 -5.26 10.61 18.17
CA ASN A 4 -5.80 9.41 18.77
C ASN A 4 -5.98 8.27 17.77
N ASN A 5 -6.78 8.50 16.75
CA ASN A 5 -7.06 7.48 15.75
C ASN A 5 -7.52 6.19 16.45
N THR A 6 -8.50 6.31 17.34
CA THR A 6 -9.02 5.15 18.08
C THR A 6 -10.44 4.81 17.70
N GLU A 7 -11.06 5.65 16.86
CA GLU A 7 -12.43 5.43 16.41
C GLU A 7 -12.45 4.31 15.39
N ALA A 8 -13.59 3.64 15.27
CA ALA A 8 -13.72 2.57 14.30
C ALA A 8 -13.65 3.23 12.94
N ILE A 9 -13.71 2.43 11.89
CA ILE A 9 -13.69 2.97 10.55
C ILE A 9 -15.15 3.27 10.22
N CYS A 10 -15.41 4.31 9.44
CA CYS A 10 -16.76 4.66 9.08
C CYS A 10 -17.28 3.59 8.13
N ASP A 11 -18.60 3.40 8.07
CA ASP A 11 -19.23 2.44 7.16
C ASP A 11 -19.74 3.17 5.93
N ALA A 12 -18.96 3.10 4.87
CA ALA A 12 -19.28 3.75 3.62
C ALA A 12 -20.06 2.80 2.72
N LYS A 13 -20.62 3.36 1.65
CA LYS A 13 -21.40 2.58 0.68
C LYS A 13 -20.68 2.70 -0.65
N GLY A 14 -19.68 3.58 -0.69
CA GLY A 14 -18.90 3.80 -1.90
C GLY A 14 -17.80 4.80 -1.65
N PHE A 15 -16.85 4.89 -2.58
CA PHE A 15 -15.72 5.80 -2.48
C PHE A 15 -15.71 6.84 -3.59
N ALA A 16 -15.48 8.10 -3.22
CA ALA A 16 -15.44 9.15 -4.23
C ALA A 16 -13.99 9.57 -4.53
N PRO A 17 -13.69 9.89 -5.80
CA PRO A 17 -12.33 10.30 -6.15
C PRO A 17 -11.88 11.56 -5.41
N PHE A 18 -10.74 11.43 -4.72
CA PHE A 18 -10.13 12.52 -3.95
C PHE A 18 -9.32 13.30 -4.97
N SER A 19 -8.31 12.65 -5.53
CA SER A 19 -7.43 13.29 -6.51
C SER A 19 -6.99 12.37 -7.66
N LYS A 20 -6.07 12.89 -8.49
CA LYS A 20 -5.49 12.17 -9.63
C LYS A 20 -4.28 13.04 -9.92
N ASP A 21 -3.10 12.46 -10.09
CA ASP A 21 -1.93 13.29 -10.30
C ASP A 21 -1.45 13.56 -11.73
N ASN A 22 -1.78 12.67 -12.66
CA ASN A 22 -1.38 12.81 -14.06
C ASN A 22 0.15 12.85 -14.08
N GLY A 23 0.76 11.98 -13.29
CA GLY A 23 2.21 11.95 -13.22
C GLY A 23 2.89 11.74 -14.57
N ILE A 24 2.56 10.64 -15.22
CA ILE A 24 3.15 10.27 -16.50
C ILE A 24 2.80 11.22 -17.66
N ARG A 25 1.52 11.43 -17.92
CA ARG A 25 1.10 12.34 -19.01
C ARG A 25 1.90 13.65 -18.90
N ILE A 26 1.85 14.24 -17.70
CA ILE A 26 2.56 15.49 -17.45
C ILE A 26 4.06 15.33 -17.63
N GLY A 27 4.59 14.12 -17.39
CA GLY A 27 6.02 13.90 -17.52
C GLY A 27 6.62 13.92 -18.93
N SER A 28 5.77 13.74 -19.92
CA SER A 28 6.24 13.73 -21.31
C SER A 28 6.98 15.02 -21.60
N ARG A 29 6.67 16.06 -20.84
CA ARG A 29 7.29 17.36 -21.05
C ARG A 29 7.79 17.97 -19.76
N GLY A 30 7.19 17.54 -18.65
CA GLY A 30 7.60 18.06 -17.36
C GLY A 30 8.83 17.37 -16.80
N HIS A 31 9.23 17.84 -15.62
CA HIS A 31 10.37 17.31 -14.91
C HIS A 31 9.78 16.51 -13.76
N ILE A 32 9.45 15.25 -14.06
CA ILE A 32 8.86 14.38 -13.05
C ILE A 32 9.75 13.19 -12.75
N PHE A 33 9.86 12.85 -11.48
CA PHE A 33 10.68 11.72 -11.13
C PHE A 33 10.06 10.48 -11.74
N VAL A 34 10.91 9.49 -11.97
CA VAL A 34 10.47 8.20 -12.47
C VAL A 34 10.33 7.54 -11.12
N ILE A 35 9.18 6.91 -10.88
CA ILE A 35 8.92 6.26 -9.61
C ILE A 35 8.21 4.92 -9.71
N ARG A 36 7.75 4.48 -8.53
CA ARG A 36 7.04 3.23 -8.35
C ARG A 36 6.61 3.25 -6.88
N GLU A 37 5.91 2.20 -6.44
CA GLU A 37 5.42 2.08 -5.07
C GLU A 37 4.90 3.36 -4.42
N PRO A 38 3.96 4.03 -5.08
CA PRO A 38 3.46 5.25 -4.44
C PRO A 38 2.36 4.88 -3.45
N PHE A 39 2.07 5.78 -2.52
CA PHE A 39 1.00 5.56 -1.54
C PHE A 39 0.53 6.88 -0.89
N VAL A 40 -0.48 6.80 -0.03
CA VAL A 40 -1.00 8.00 0.62
C VAL A 40 -1.17 7.90 2.13
N SER A 41 -0.67 8.93 2.84
CA SER A 41 -0.75 9.08 4.30
C SER A 41 -1.21 10.51 4.62
N CYS A 42 -1.96 10.69 5.71
CA CYS A 42 -2.48 12.01 6.08
C CYS A 42 -2.23 12.45 7.51
N SER A 43 -2.03 13.75 7.70
CA SER A 43 -1.83 14.32 9.03
C SER A 43 -3.03 15.23 9.29
N PRO A 44 -3.04 15.92 10.44
CA PRO A 44 -4.21 16.81 10.67
C PRO A 44 -4.16 18.19 9.97
N ILE A 45 -3.37 18.30 8.90
CA ILE A 45 -3.27 19.54 8.12
C ILE A 45 -3.32 19.23 6.63
N GLU A 46 -2.96 18.00 6.26
CA GLU A 46 -2.95 17.59 4.85
C GLU A 46 -2.59 16.13 4.60
N CYS A 47 -2.90 15.66 3.40
CA CYS A 47 -2.52 14.31 3.03
C CYS A 47 -1.40 14.58 2.04
N ARG A 48 -0.44 13.66 1.98
CA ARG A 48 0.65 13.80 1.07
C ARG A 48 0.80 12.50 0.31
N THR A 49 1.43 12.55 -0.87
CA THR A 49 1.67 11.33 -1.64
C THR A 49 3.13 10.94 -1.56
N PHE A 50 3.42 9.83 -0.91
CA PHE A 50 4.79 9.37 -0.80
C PHE A 50 5.11 8.39 -1.93
N PHE A 51 6.36 8.39 -2.37
CA PHE A 51 6.75 7.53 -3.47
C PHE A 51 8.23 7.17 -3.40
N LEU A 52 8.69 6.37 -4.36
CA LEU A 52 10.10 5.99 -4.43
C LEU A 52 10.57 6.37 -5.81
N THR A 53 11.42 7.38 -5.86
CA THR A 53 11.96 7.86 -7.10
C THR A 53 12.94 6.82 -7.59
N GLN A 54 13.65 7.16 -8.65
CA GLN A 54 14.68 6.30 -9.21
C GLN A 54 15.84 7.27 -9.44
N GLY A 55 15.86 8.35 -8.66
CA GLY A 55 16.89 9.36 -8.80
C GLY A 55 16.97 9.86 -10.22
N SER A 56 15.84 9.84 -10.93
CA SER A 56 15.80 10.29 -12.33
C SER A 56 14.43 10.85 -12.71
N LEU A 57 14.31 11.34 -13.95
CA LEU A 57 13.06 11.93 -14.42
C LEU A 57 12.54 11.27 -15.70
N LEU A 58 11.25 11.38 -15.95
CA LEU A 58 10.67 10.78 -17.14
C LEU A 58 11.18 11.44 -18.39
N ASN A 59 11.20 10.66 -19.46
CA ASN A 59 11.61 11.15 -20.76
C ASN A 59 13.07 11.62 -20.67
N ASP A 60 13.91 10.77 -20.11
CA ASP A 60 15.32 11.07 -19.97
C ASP A 60 16.04 9.75 -20.01
N LYS A 61 17.31 9.78 -20.42
CA LYS A 61 18.12 8.55 -20.53
C LYS A 61 18.28 7.80 -19.21
N HIS A 62 18.22 8.51 -18.08
CA HIS A 62 18.34 7.86 -16.79
C HIS A 62 17.13 7.00 -16.38
N SER A 63 16.00 7.19 -17.04
CA SER A 63 14.82 6.40 -16.72
C SER A 63 14.93 5.00 -17.33
N ASN A 64 16.09 4.67 -17.90
CA ASN A 64 16.32 3.37 -18.53
C ASN A 64 15.97 2.13 -17.67
N GLY A 65 16.98 1.50 -17.08
CA GLY A 65 16.75 0.30 -16.29
C GLY A 65 15.65 0.31 -15.22
N THR A 66 15.00 1.47 -15.04
CA THR A 66 13.94 1.65 -14.04
C THR A 66 12.85 0.56 -13.98
N VAL A 67 13.23 -0.66 -13.66
CA VAL A 67 12.28 -1.76 -13.55
C VAL A 67 12.82 -2.69 -12.47
N LYS A 68 14.14 -2.73 -12.39
CA LYS A 68 14.89 -3.56 -11.45
C LYS A 68 14.29 -3.74 -10.04
N ASP A 69 13.79 -2.64 -9.47
CA ASP A 69 13.21 -2.63 -8.11
C ASP A 69 14.15 -1.97 -7.11
N ARG A 70 15.43 -2.32 -7.18
CA ARG A 70 16.41 -1.76 -6.26
C ARG A 70 17.69 -1.21 -6.89
N SER A 71 18.20 -0.13 -6.30
CA SER A 71 19.43 0.53 -6.73
C SER A 71 19.79 1.45 -5.56
N PRO A 72 21.00 2.02 -5.58
CA PRO A 72 21.42 2.91 -4.49
C PRO A 72 20.86 4.30 -4.70
N PHE A 73 20.28 4.49 -5.89
CA PHE A 73 19.70 5.76 -6.31
C PHE A 73 18.28 5.99 -5.83
N ARG A 74 17.55 4.90 -5.59
CA ARG A 74 16.16 4.98 -5.12
C ARG A 74 16.08 5.75 -3.81
N THR A 75 15.27 6.80 -3.77
CA THR A 75 15.11 7.66 -2.58
C THR A 75 13.60 7.92 -2.31
N LEU A 76 13.16 7.83 -1.05
CA LEU A 76 11.74 8.06 -0.71
C LEU A 76 11.35 9.53 -0.55
N MET A 77 10.46 10.01 -1.40
CA MET A 77 10.03 11.39 -1.33
C MET A 77 8.51 11.55 -1.35
N SER A 78 8.03 12.78 -1.24
CA SER A 78 6.59 13.03 -1.24
C SER A 78 6.18 14.42 -1.76
N VAL A 79 4.88 14.58 -2.00
CA VAL A 79 4.28 15.84 -2.48
C VAL A 79 2.79 15.88 -2.12
N GLU A 80 2.26 17.07 -1.88
CA GLU A 80 0.83 17.15 -1.54
C GLU A 80 0.03 16.20 -2.44
N VAL A 81 -0.97 15.56 -1.85
CA VAL A 81 -1.78 14.62 -2.61
C VAL A 81 -2.18 15.22 -3.94
N GLY A 82 -2.40 14.36 -4.95
CA GLY A 82 -2.79 14.83 -6.26
C GLY A 82 -1.69 15.50 -7.07
N GLN A 83 -0.71 16.08 -6.41
CA GLN A 83 0.37 16.71 -7.17
C GLN A 83 1.26 15.59 -7.69
N SER A 84 1.82 15.82 -8.86
CA SER A 84 2.67 14.83 -9.45
C SER A 84 3.98 14.79 -8.69
N PRO A 85 4.74 13.70 -8.86
CA PRO A 85 6.01 13.60 -8.16
C PRO A 85 7.09 14.38 -8.90
N ASN A 86 6.84 15.67 -9.13
CA ASN A 86 7.82 16.48 -9.84
C ASN A 86 8.94 16.91 -8.92
N VAL A 87 10.07 17.22 -9.52
CA VAL A 87 11.24 17.64 -8.78
C VAL A 87 11.12 18.96 -8.01
N TYR A 88 10.31 19.88 -8.53
CA TYR A 88 10.21 21.18 -7.89
C TYR A 88 9.26 21.31 -6.72
N GLN A 89 8.42 20.29 -6.49
CA GLN A 89 7.53 20.33 -5.34
C GLN A 89 7.84 19.17 -4.36
N ALA A 90 8.82 18.34 -4.72
CA ALA A 90 9.19 17.19 -3.90
C ALA A 90 9.81 17.52 -2.54
N ARG A 91 9.43 16.76 -1.53
CA ARG A 91 9.98 16.92 -0.19
C ARG A 91 10.83 15.70 0.04
N PHE A 92 12.12 15.88 0.32
CA PHE A 92 12.95 14.70 0.55
C PHE A 92 12.58 14.03 1.87
N GLU A 93 12.30 12.73 1.82
CA GLU A 93 11.96 12.02 3.04
C GLU A 93 13.19 11.21 3.49
N ALA A 94 13.60 10.23 2.67
CA ALA A 94 14.76 9.39 2.97
C ALA A 94 15.30 8.55 1.80
N VAL A 95 16.39 7.84 2.06
CA VAL A 95 17.01 6.99 1.06
C VAL A 95 16.39 5.59 1.16
N ALA A 96 15.65 5.19 0.13
CA ALA A 96 15.01 3.88 0.13
C ALA A 96 14.44 3.34 -1.18
N TRP A 97 14.36 2.03 -1.22
CA TRP A 97 13.78 1.30 -2.34
C TRP A 97 12.69 0.47 -1.69
N SER A 98 12.24 0.94 -0.53
CA SER A 98 11.15 0.32 0.21
C SER A 98 10.88 1.17 1.47
N ALA A 99 9.76 1.90 1.43
CA ALA A 99 9.38 2.77 2.53
C ALA A 99 7.96 2.61 3.05
N THR A 100 7.68 3.40 4.08
CA THR A 100 6.37 3.49 4.70
C THR A 100 6.41 4.84 5.41
N ALA A 101 5.25 5.35 5.82
CA ALA A 101 5.20 6.62 6.50
C ALA A 101 3.88 6.89 7.20
N CYS A 102 3.92 7.75 8.20
CA CYS A 102 2.71 8.10 8.93
C CYS A 102 2.99 9.26 9.88
N HIS A 103 1.95 10.02 10.20
CA HIS A 103 2.09 11.16 11.08
C HIS A 103 1.27 10.82 12.31
N ASP A 104 1.70 11.33 13.47
CA ASP A 104 1.01 11.05 14.73
C ASP A 104 0.41 12.30 15.33
N GLY A 105 0.01 13.23 14.48
CA GLY A 105 -0.57 14.48 14.97
C GLY A 105 0.41 15.64 15.10
N LYS A 106 1.65 15.35 15.48
CA LYS A 106 2.65 16.40 15.64
C LYS A 106 3.66 16.49 14.48
N LYS A 107 4.38 15.40 14.19
CA LYS A 107 5.38 15.36 13.10
C LYS A 107 5.24 14.07 12.29
N TRP A 108 5.95 13.98 11.17
CA TRP A 108 5.90 12.76 10.34
C TRP A 108 6.97 11.77 10.76
N MET A 109 6.74 10.49 10.51
CA MET A 109 7.71 9.45 10.81
C MET A 109 7.92 8.62 9.54
N THR A 110 9.14 8.58 9.04
CA THR A 110 9.40 7.80 7.84
C THR A 110 10.45 6.73 8.12
N VAL A 111 10.41 5.66 7.31
CA VAL A 111 11.33 4.55 7.39
C VAL A 111 11.77 4.13 5.98
N GLY A 112 13.01 4.43 5.63
CA GLY A 112 13.51 4.08 4.31
C GLY A 112 14.54 2.97 4.37
N VAL A 113 14.25 1.87 3.71
CA VAL A 113 15.16 0.73 3.69
C VAL A 113 15.99 0.79 2.43
N THR A 114 17.29 0.63 2.61
CA THR A 114 18.21 0.66 1.47
C THR A 114 19.48 -0.05 1.84
N GLY A 115 20.35 -0.24 0.85
CA GLY A 115 21.61 -0.91 1.09
C GLY A 115 21.68 -2.24 0.37
N PRO A 116 22.72 -3.05 0.63
CA PRO A 116 22.87 -4.35 0.00
C PRO A 116 21.67 -5.21 0.37
N ASP A 117 21.39 -6.25 -0.42
CA ASP A 117 20.24 -7.10 -0.11
C ASP A 117 20.48 -8.09 1.03
N SER A 118 21.74 -8.46 1.25
CA SER A 118 22.03 -9.39 2.33
C SER A 118 22.36 -8.66 3.64
N LYS A 119 22.26 -7.33 3.64
CA LYS A 119 22.57 -6.56 4.85
C LYS A 119 21.86 -5.19 4.87
N ALA A 120 20.81 -5.04 4.06
CA ALA A 120 20.07 -3.80 3.98
C ALA A 120 19.76 -3.26 5.37
N VAL A 121 19.51 -1.96 5.44
CA VAL A 121 19.19 -1.33 6.70
C VAL A 121 18.03 -0.36 6.53
N ALA A 122 17.26 -0.21 7.60
CA ALA A 122 16.11 0.69 7.61
C ALA A 122 16.46 1.91 8.47
N VAL A 123 16.38 3.08 7.87
CA VAL A 123 16.64 4.32 8.56
C VAL A 123 15.29 4.90 8.92
N ILE A 124 15.03 5.03 10.22
CA ILE A 124 13.76 5.60 10.68
C ILE A 124 13.97 7.10 10.80
N HIS A 125 13.00 7.88 10.33
CA HIS A 125 13.12 9.34 10.42
C HIS A 125 11.94 9.93 11.19
N TYR A 126 12.12 11.12 11.74
CA TYR A 126 11.04 11.76 12.47
C TYR A 126 11.34 13.23 12.65
N GLY A 127 10.54 14.08 11.99
CA GLY A 127 10.73 15.52 12.08
C GLY A 127 11.85 16.06 11.19
N GLY A 128 12.02 15.45 10.02
CA GLY A 128 13.04 15.89 9.10
C GLY A 128 14.42 15.28 9.27
N VAL A 129 14.54 14.26 10.10
CA VAL A 129 15.83 13.60 10.35
C VAL A 129 15.69 12.18 10.87
N PRO A 130 16.67 11.30 10.58
CA PRO A 130 16.61 9.92 11.06
C PRO A 130 16.87 9.92 12.56
N THR A 131 16.10 9.14 13.31
CA THR A 131 16.27 9.07 14.74
C THR A 131 16.69 7.68 15.18
N ASP A 132 16.11 6.65 14.56
CA ASP A 132 16.49 5.28 14.91
C ASP A 132 16.59 4.38 13.69
N VAL A 133 17.27 3.26 13.86
CA VAL A 133 17.50 2.30 12.78
C VAL A 133 17.16 0.84 13.15
N VAL A 134 16.98 0.03 12.11
CA VAL A 134 16.68 -1.40 12.24
C VAL A 134 17.47 -2.05 11.11
N ASN A 135 18.47 -2.88 11.44
CA ASN A 135 19.28 -3.59 10.43
C ASN A 135 18.58 -4.85 9.95
N SER A 136 18.89 -5.29 8.73
CA SER A 136 18.26 -6.50 8.21
C SER A 136 18.56 -7.57 9.25
N TRP A 137 17.59 -8.43 9.55
CA TRP A 137 17.81 -9.47 10.54
C TRP A 137 17.79 -10.89 9.97
N ALA A 138 17.86 -11.02 8.65
CA ALA A 138 17.87 -12.34 8.03
C ALA A 138 18.61 -12.29 6.70
N GLY A 139 19.43 -11.26 6.56
CA GLY A 139 20.22 -11.07 5.37
C GLY A 139 19.53 -11.51 4.11
N ASP A 140 18.52 -10.75 3.69
CA ASP A 140 17.74 -11.07 2.49
C ASP A 140 16.57 -10.11 2.26
N ILE A 141 16.85 -8.96 1.67
CA ILE A 141 15.85 -7.91 1.40
C ILE A 141 14.95 -7.60 2.61
N LEU A 142 15.33 -6.56 3.36
CA LEU A 142 14.58 -6.12 4.54
C LEU A 142 13.52 -5.11 4.11
N ARG A 143 12.43 -5.59 3.53
CA ARG A 143 11.38 -4.72 3.03
C ARG A 143 10.30 -4.33 4.03
N THR A 144 9.32 -3.56 3.55
CA THR A 144 8.25 -3.12 4.40
C THR A 144 6.97 -2.78 3.64
N GLN A 145 6.08 -2.04 4.31
CA GLN A 145 4.76 -1.69 3.81
C GLN A 145 4.59 -1.13 2.41
N GLU A 146 5.40 -0.15 2.05
CA GLU A 146 5.24 0.46 0.75
C GLU A 146 3.86 1.08 0.87
N SER A 147 3.53 1.46 2.10
CA SER A 147 2.23 2.07 2.38
C SER A 147 2.20 2.74 3.75
N SER A 148 1.17 3.54 3.98
CA SER A 148 1.04 4.26 5.24
C SER A 148 1.02 3.42 6.51
N CYS A 149 2.02 3.63 7.38
CA CYS A 149 2.07 2.92 8.65
C CYS A 149 0.94 3.45 9.51
N THR A 150 0.92 3.08 10.78
CA THR A 150 -0.20 3.50 11.61
C THR A 150 0.13 4.01 12.99
N CYS A 151 -0.41 5.17 13.31
CA CYS A 151 -0.18 5.79 14.59
C CYS A 151 -1.47 5.90 15.38
N ILE A 152 -1.43 5.47 16.63
CA ILE A 152 -2.58 5.56 17.50
C ILE A 152 -2.12 6.12 18.85
N GLN A 153 -2.65 7.30 19.19
CA GLN A 153 -2.32 7.99 20.45
C GLN A 153 -0.83 8.22 20.66
N GLY A 154 -0.11 8.51 19.58
CA GLY A 154 1.31 8.78 19.73
C GLY A 154 2.23 7.65 19.30
N ASP A 155 1.77 6.42 19.41
CA ASP A 155 2.59 5.28 19.03
C ASP A 155 2.30 4.83 17.60
N CYS A 156 3.34 4.78 16.78
CA CYS A 156 3.19 4.40 15.39
C CYS A 156 3.72 2.99 15.16
N TYR A 157 2.91 2.13 14.54
CA TYR A 157 3.32 0.75 14.30
C TYR A 157 3.32 0.41 12.81
N TRP A 158 4.18 -0.51 12.42
CA TRP A 158 4.25 -0.96 11.03
C TRP A 158 4.76 -2.39 10.91
N VAL A 159 4.87 -2.88 9.67
CA VAL A 159 5.31 -4.26 9.45
C VAL A 159 6.49 -4.40 8.50
N MET A 160 7.33 -5.39 8.75
CA MET A 160 8.52 -5.64 7.93
C MET A 160 8.71 -7.13 7.64
N THR A 161 9.33 -7.42 6.50
CA THR A 161 9.57 -8.79 6.06
C THR A 161 10.99 -9.02 5.54
N ASP A 162 11.68 -10.01 6.09
CA ASP A 162 13.03 -10.38 5.63
C ASP A 162 12.97 -11.86 5.18
N GLY A 163 13.14 -12.10 3.88
CA GLY A 163 13.12 -13.46 3.37
C GLY A 163 12.96 -13.58 1.86
N PRO A 164 12.72 -14.81 1.36
CA PRO A 164 12.56 -15.06 -0.07
C PRO A 164 11.20 -14.53 -0.51
N ALA A 165 11.03 -14.33 -1.82
CA ALA A 165 9.78 -13.83 -2.39
C ALA A 165 8.79 -14.98 -2.50
N ASN A 166 9.30 -16.19 -2.30
CA ASN A 166 8.50 -17.41 -2.39
C ASN A 166 8.37 -18.10 -1.03
N ARG A 167 9.00 -19.28 -0.91
CA ARG A 167 8.97 -20.09 0.32
C ARG A 167 8.91 -19.26 1.61
N GLN A 168 8.53 -19.91 2.71
CA GLN A 168 8.40 -19.27 4.03
C GLN A 168 9.42 -18.17 4.29
N ALA A 169 9.01 -17.13 5.01
CA ALA A 169 9.90 -16.01 5.37
C ALA A 169 9.68 -15.59 6.83
N GLN A 170 10.31 -14.47 7.21
CA GLN A 170 10.21 -13.96 8.57
C GLN A 170 9.62 -12.56 8.62
N TYR A 171 8.56 -12.42 9.41
CA TYR A 171 7.87 -11.15 9.56
C TYR A 171 8.05 -10.62 10.97
N ARG A 172 7.68 -9.36 11.18
CA ARG A 172 7.77 -8.74 12.49
C ARG A 172 7.00 -7.45 12.50
N ILE A 173 6.39 -7.14 13.64
CA ILE A 173 5.64 -5.90 13.81
C ILE A 173 6.59 -4.88 14.45
N TYR A 174 6.27 -3.59 14.38
CA TYR A 174 7.12 -2.56 14.96
C TYR A 174 6.31 -1.42 15.58
N LYS A 175 6.59 -1.10 16.83
CA LYS A 175 5.89 -0.04 17.54
C LYS A 175 6.87 1.04 18.00
N ALA A 176 6.59 2.31 17.73
CA ALA A 176 7.50 3.38 18.13
C ALA A 176 6.90 4.77 18.37
N ASN A 177 7.38 5.41 19.44
CA ASN A 177 6.95 6.76 19.83
C ASN A 177 8.02 7.78 19.39
N GLN A 178 7.58 8.83 18.71
CA GLN A 178 8.47 9.88 18.24
C GLN A 178 9.75 9.46 17.51
N GLY A 179 9.66 8.49 16.61
CA GLY A 179 10.86 8.09 15.89
C GLY A 179 11.80 7.12 16.60
N ARG A 180 11.59 6.87 17.89
CA ARG A 180 12.45 5.92 18.61
C ARG A 180 11.69 4.61 18.81
N ILE A 181 12.27 3.52 18.31
CA ILE A 181 11.63 2.21 18.44
C ILE A 181 11.37 1.88 19.90
N ILE A 182 10.34 1.10 20.16
CA ILE A 182 10.00 0.72 21.51
C ILE A 182 9.38 -0.69 21.54
N GLY A 183 10.18 -1.69 21.22
CA GLY A 183 9.70 -3.06 21.19
C GLY A 183 9.01 -3.41 19.88
N GLN A 184 9.04 -4.70 19.53
CA GLN A 184 8.42 -5.17 18.30
C GLN A 184 8.04 -6.64 18.47
N THR A 185 7.55 -7.29 17.40
CA THR A 185 7.16 -8.69 17.51
C THR A 185 7.41 -9.52 16.25
N ASP A 186 7.69 -10.80 16.46
CA ASP A 186 7.93 -11.73 15.36
C ASP A 186 6.60 -12.43 15.09
N ILE A 187 6.12 -12.29 13.86
CA ILE A 187 4.86 -12.89 13.47
C ILE A 187 5.06 -14.36 13.20
N SER A 188 4.27 -15.19 13.88
CA SER A 188 4.35 -16.63 13.67
C SER A 188 3.32 -16.91 12.60
N PHE A 189 3.77 -17.45 11.47
CA PHE A 189 2.89 -17.69 10.34
C PHE A 189 3.50 -18.79 9.46
N ASN A 190 3.84 -19.93 10.05
CA ASN A 190 4.45 -21.02 9.26
C ASN A 190 3.53 -21.58 8.19
N GLY A 191 3.96 -21.45 6.93
CA GLY A 191 3.14 -21.90 5.81
C GLY A 191 2.48 -20.65 5.24
N GLY A 192 2.22 -19.68 6.12
CA GLY A 192 1.60 -18.43 5.68
C GLY A 192 2.67 -17.40 5.37
N HIS A 193 2.42 -16.53 4.40
CA HIS A 193 3.39 -15.51 3.99
C HIS A 193 2.81 -14.09 4.02
N ILE A 194 3.67 -13.09 4.28
CA ILE A 194 3.26 -11.67 4.36
C ILE A 194 4.23 -10.60 3.84
N GLU A 195 3.71 -9.63 3.09
CA GLU A 195 4.54 -8.55 2.55
C GLU A 195 3.71 -7.31 2.27
N GLU A 196 4.39 -6.16 2.25
CA GLU A 196 3.79 -4.87 1.95
C GLU A 196 2.33 -4.77 2.38
N CYS A 197 2.07 -4.64 3.68
CA CYS A 197 0.71 -4.55 4.20
C CYS A 197 0.10 -3.17 4.02
N SER A 198 -1.19 -3.12 3.69
CA SER A 198 -1.89 -1.85 3.52
C SER A 198 -2.75 -1.64 4.78
N CYS A 199 -2.14 -1.33 5.92
CA CYS A 199 -2.89 -1.18 7.16
C CYS A 199 -3.82 0.04 7.25
N TYR A 200 -4.28 0.32 8.48
CA TYR A 200 -5.16 1.44 8.81
C TYR A 200 -5.68 1.32 10.26
N PRO A 201 -6.01 2.45 10.91
CA PRO A 201 -6.51 2.39 12.29
C PRO A 201 -8.00 2.04 12.39
N ASN A 202 -8.38 1.24 13.40
CA ASN A 202 -9.78 0.86 13.59
C ASN A 202 -10.07 0.22 14.96
N ASP A 203 -10.89 0.89 15.75
CA ASP A 203 -11.27 0.41 17.07
C ASP A 203 -10.09 0.37 18.04
N GLY A 204 -9.21 1.35 17.94
CA GLY A 204 -8.06 1.39 18.81
C GLY A 204 -7.06 0.29 18.54
N LYS A 205 -7.21 -0.42 17.42
CA LYS A 205 -6.28 -1.47 17.05
C LYS A 205 -5.88 -1.30 15.60
N VAL A 206 -4.78 -1.94 15.21
CA VAL A 206 -4.30 -1.82 13.84
C VAL A 206 -4.64 -3.05 13.00
N GLU A 207 -5.24 -2.83 11.85
CA GLU A 207 -5.63 -3.90 10.93
C GLU A 207 -4.91 -3.77 9.58
N CYS A 208 -4.33 -4.86 9.12
CA CYS A 208 -3.62 -4.83 7.86
C CYS A 208 -4.13 -5.93 6.95
N VAL A 209 -4.03 -5.69 5.65
CA VAL A 209 -4.43 -6.65 4.65
C VAL A 209 -3.20 -6.66 3.77
N CYS A 210 -2.35 -7.65 4.00
CA CYS A 210 -1.07 -7.75 3.32
C CYS A 210 -1.06 -8.54 2.00
N ARG A 211 0.06 -9.20 1.74
CA ARG A 211 0.23 -9.97 0.52
C ARG A 211 1.11 -11.19 0.68
N ASP A 212 0.53 -12.36 0.51
CA ASP A 212 1.27 -13.61 0.58
C ASP A 212 1.90 -13.76 -0.80
N GLY A 213 3.22 -13.86 -0.86
CA GLY A 213 3.88 -13.98 -2.13
C GLY A 213 4.31 -15.41 -2.41
N TRP A 214 4.10 -16.26 -1.40
CA TRP A 214 4.49 -17.67 -1.46
C TRP A 214 3.46 -18.56 -2.16
N THR A 215 2.29 -18.74 -1.55
CA THR A 215 1.25 -19.61 -2.11
C THR A 215 -0.19 -19.05 -2.16
N GLY A 216 -0.47 -18.00 -1.38
CA GLY A 216 -1.82 -17.44 -1.33
C GLY A 216 -2.35 -16.47 -2.39
N THR A 217 -3.49 -16.81 -2.97
CA THR A 217 -4.17 -16.00 -3.97
C THR A 217 -5.25 -15.23 -3.23
N ASN A 218 -5.28 -15.48 -1.93
CA ASN A 218 -6.15 -14.78 -1.01
C ASN A 218 -5.09 -14.11 -0.13
N ARG A 219 -5.44 -12.95 0.38
CA ARG A 219 -4.54 -12.16 1.17
C ARG A 219 -4.56 -12.47 2.64
N PRO A 220 -3.42 -12.26 3.31
CA PRO A 220 -3.37 -12.51 4.74
C PRO A 220 -3.79 -11.22 5.44
N VAL A 221 -4.44 -11.36 6.59
CA VAL A 221 -4.92 -10.24 7.38
C VAL A 221 -4.27 -10.31 8.76
N LEU A 222 -4.14 -9.18 9.47
CA LEU A 222 -3.49 -9.18 10.80
C LEU A 222 -3.86 -8.00 11.73
N VAL A 223 -4.49 -8.30 12.86
CA VAL A 223 -4.90 -7.25 13.80
C VAL A 223 -3.88 -7.05 14.92
N ILE A 224 -3.27 -5.86 14.93
CA ILE A 224 -2.28 -5.53 15.94
C ILE A 224 -2.81 -4.71 17.13
N SER A 225 -2.61 -5.25 18.32
CA SER A 225 -3.05 -4.65 19.58
C SER A 225 -1.92 -3.73 20.02
N PRO A 226 -2.19 -2.77 20.93
CA PRO A 226 -1.13 -1.87 21.40
C PRO A 226 0.03 -2.50 22.19
N ASP A 227 -0.23 -3.61 22.86
CA ASP A 227 0.81 -4.29 23.64
C ASP A 227 1.56 -5.31 22.80
N LEU A 228 1.40 -5.22 21.48
CA LEU A 228 2.03 -6.12 20.51
C LEU A 228 1.39 -7.49 20.40
N SER A 229 0.36 -7.75 21.21
CA SER A 229 -0.35 -9.02 21.08
C SER A 229 -1.02 -8.81 19.74
N TYR A 230 -1.19 -9.87 18.95
CA TYR A 230 -1.79 -9.73 17.63
C TYR A 230 -2.55 -10.97 17.19
N ARG A 231 -3.15 -10.86 16.00
CA ARG A 231 -3.89 -11.94 15.36
C ARG A 231 -3.44 -11.94 13.92
N VAL A 232 -3.31 -13.12 13.33
CA VAL A 232 -2.87 -13.22 11.95
C VAL A 232 -3.64 -14.33 11.21
N GLY A 233 -3.99 -14.09 9.94
CA GLY A 233 -4.71 -15.08 9.16
C GLY A 233 -4.79 -14.70 7.69
N TYR A 234 -6.00 -14.78 7.14
CA TYR A 234 -6.27 -14.41 5.73
C TYR A 234 -7.70 -13.90 5.62
N LEU A 235 -7.92 -12.93 4.74
CA LEU A 235 -9.27 -12.43 4.55
C LEU A 235 -10.09 -13.72 4.45
N CYS A 236 -11.16 -13.83 5.23
CA CYS A 236 -12.00 -15.02 5.24
C CYS A 236 -12.71 -15.27 3.92
N ALA A 237 -13.11 -14.18 3.27
CA ALA A 237 -13.83 -14.21 2.01
C ALA A 237 -13.69 -15.44 1.12
N GLY A 238 -14.78 -15.74 0.40
CA GLY A 238 -14.83 -16.88 -0.50
C GLY A 238 -14.46 -16.44 -1.91
N ILE A 239 -13.96 -15.21 -2.01
CA ILE A 239 -13.54 -14.62 -3.29
C ILE A 239 -12.04 -14.25 -3.24
N PRO A 240 -11.25 -14.67 -4.26
CA PRO A 240 -9.82 -14.34 -4.25
C PRO A 240 -9.56 -12.88 -4.58
N SER A 241 -8.54 -12.30 -3.95
CA SER A 241 -8.16 -10.90 -4.16
C SER A 241 -6.66 -10.65 -4.32
N ASP A 242 -5.97 -11.50 -5.08
CA ASP A 242 -4.54 -11.33 -5.31
C ASP A 242 -4.39 -11.35 -6.82
N THR A 243 -3.16 -11.27 -7.33
CA THR A 243 -2.92 -11.33 -8.77
C THR A 243 -1.49 -11.76 -9.00
N PRO A 244 -1.29 -12.90 -9.69
CA PRO A 244 -2.33 -13.79 -10.26
C PRO A 244 -3.23 -14.49 -9.25
N ARG A 245 -4.41 -14.88 -9.72
CA ARG A 245 -5.40 -15.57 -8.86
C ARG A 245 -6.34 -16.48 -9.68
N GLY A 246 -6.83 -17.54 -9.03
CA GLY A 246 -7.73 -18.45 -9.70
C GLY A 246 -9.09 -17.81 -9.73
N GLU A 247 -10.01 -18.40 -10.50
CA GLU A 247 -11.37 -17.88 -10.63
C GLU A 247 -12.21 -17.90 -9.35
N ASP A 248 -13.17 -16.98 -9.31
CA ASP A 248 -14.10 -16.84 -8.18
C ASP A 248 -14.89 -18.12 -7.94
N THR A 249 -15.23 -18.81 -9.03
CA THR A 249 -16.02 -20.04 -8.94
C THR A 249 -15.23 -21.25 -8.42
N GLN A 250 -13.92 -21.26 -8.70
CA GLN A 250 -13.02 -22.34 -8.30
C GLN A 250 -12.27 -22.01 -7.00
N PHE A 251 -12.66 -20.94 -6.32
CA PHE A 251 -11.99 -20.58 -5.09
C PHE A 251 -12.89 -20.81 -3.89
N THR A 252 -12.30 -21.32 -2.80
CA THR A 252 -13.05 -21.56 -1.57
C THR A 252 -12.42 -20.68 -0.48
N GLY A 253 -13.22 -19.79 0.09
CA GLY A 253 -12.70 -18.91 1.12
C GLY A 253 -11.98 -19.60 2.26
N SER A 254 -11.15 -18.84 2.97
CA SER A 254 -10.40 -19.40 4.08
C SER A 254 -9.95 -18.40 5.11
N CYS A 255 -10.47 -18.49 6.34
CA CYS A 255 -10.10 -17.57 7.41
C CYS A 255 -8.73 -17.82 8.06
N THR A 256 -8.12 -18.99 7.83
CA THR A 256 -6.84 -19.28 8.49
C THR A 256 -5.73 -19.71 7.57
N SER A 257 -6.08 -20.36 6.47
CA SER A 257 -5.05 -20.84 5.57
C SER A 257 -5.12 -20.24 4.19
N PRO A 258 -3.96 -20.07 3.55
CA PRO A 258 -3.89 -19.49 2.21
C PRO A 258 -4.46 -20.49 1.22
N MET A 259 -4.91 -20.00 0.07
CA MET A 259 -5.44 -20.89 -0.92
C MET A 259 -5.20 -20.41 -2.34
N GLY A 260 -5.28 -21.36 -3.26
CA GLY A 260 -5.04 -21.09 -4.67
C GLY A 260 -3.64 -21.54 -5.03
N ASN A 261 -3.43 -21.90 -6.30
CA ASN A 261 -2.11 -22.35 -6.74
C ASN A 261 -1.35 -21.25 -7.47
N GLN A 262 -0.83 -20.29 -6.71
CA GLN A 262 -0.09 -19.19 -7.30
C GLN A 262 1.01 -18.70 -6.36
N GLY A 263 2.23 -18.64 -6.88
CA GLY A 263 3.38 -18.22 -6.10
C GLY A 263 3.85 -16.78 -6.25
N TYR A 264 3.01 -15.94 -6.85
CA TYR A 264 3.35 -14.53 -7.01
C TYR A 264 2.09 -13.72 -6.67
N GLY A 265 2.25 -12.41 -6.47
CA GLY A 265 1.12 -11.57 -6.14
C GLY A 265 1.23 -10.12 -6.54
N VAL A 266 0.74 -9.24 -5.67
CA VAL A 266 0.75 -7.78 -5.86
C VAL A 266 0.22 -7.12 -4.59
N LYS A 267 0.66 -5.90 -4.30
CA LYS A 267 0.17 -5.24 -3.09
C LYS A 267 -1.31 -5.01 -3.28
N GLY A 268 -2.04 -4.98 -2.18
CA GLY A 268 -3.47 -4.78 -2.23
C GLY A 268 -4.00 -4.36 -0.89
N PHE A 269 -5.32 -4.22 -0.78
CA PHE A 269 -5.90 -3.78 0.49
C PHE A 269 -7.31 -4.28 0.69
N GLY A 270 -7.82 -3.96 1.88
CA GLY A 270 -9.16 -4.33 2.26
C GLY A 270 -9.54 -3.57 3.51
N PHE A 271 -10.81 -3.18 3.59
CA PHE A 271 -11.32 -2.48 4.76
C PHE A 271 -12.36 -3.30 5.50
N ARG A 272 -12.29 -3.28 6.82
CA ARG A 272 -13.26 -4.01 7.62
C ARG A 272 -14.51 -3.16 7.75
N GLN A 273 -15.66 -3.80 7.61
CA GLN A 273 -16.98 -3.15 7.70
C GLN A 273 -17.88 -4.11 8.49
N GLY A 274 -18.08 -3.85 9.78
CA GLY A 274 -18.87 -4.77 10.56
C GLY A 274 -18.11 -6.09 10.49
N THR A 275 -18.70 -7.12 9.91
CA THR A 275 -18.02 -8.41 9.72
C THR A 275 -17.86 -8.46 8.23
N ASP A 276 -18.34 -7.41 7.59
CA ASP A 276 -18.27 -7.24 6.13
C ASP A 276 -16.89 -6.69 5.84
N VAL A 277 -16.54 -6.64 4.57
CA VAL A 277 -15.24 -6.10 4.16
C VAL A 277 -15.31 -5.54 2.74
N TRP A 278 -14.58 -4.44 2.52
CA TRP A 278 -14.48 -3.88 1.17
C TRP A 278 -13.10 -4.39 0.76
N MET A 279 -13.05 -5.13 -0.35
CA MET A 279 -11.80 -5.67 -0.84
C MET A 279 -11.51 -5.19 -2.24
N GLY A 280 -10.30 -4.65 -2.43
CA GLY A 280 -9.89 -4.16 -3.72
C GLY A 280 -9.18 -5.25 -4.51
N ARG A 281 -9.06 -5.05 -5.81
CA ARG A 281 -8.38 -6.00 -6.68
C ARG A 281 -8.36 -5.58 -8.14
N THR A 282 -7.45 -6.18 -8.89
CA THR A 282 -7.35 -5.89 -10.31
C THR A 282 -8.39 -6.82 -10.92
N ILE A 283 -9.16 -6.29 -11.87
CA ILE A 283 -10.19 -7.09 -12.51
C ILE A 283 -9.54 -8.26 -13.23
N SER A 284 -8.65 -7.99 -14.17
CA SER A 284 -7.98 -9.06 -14.89
C SER A 284 -7.16 -9.93 -13.95
N ARG A 285 -7.62 -11.15 -13.78
CA ARG A 285 -7.02 -12.14 -12.89
C ARG A 285 -5.54 -12.51 -13.07
N THR A 286 -4.96 -12.25 -14.24
CA THR A 286 -3.54 -12.58 -14.46
C THR A 286 -2.59 -11.39 -14.50
N SER A 287 -2.95 -10.36 -15.26
CA SER A 287 -2.09 -9.19 -15.40
C SER A 287 -2.37 -8.07 -14.38
N ARG A 288 -1.81 -6.90 -14.64
CA ARG A 288 -2.03 -5.76 -13.78
C ARG A 288 -2.94 -4.74 -14.46
N SER A 289 -4.07 -5.25 -14.93
CA SER A 289 -5.06 -4.46 -15.63
C SER A 289 -6.30 -4.13 -14.75
N GLY A 290 -6.87 -2.94 -14.97
CA GLY A 290 -8.04 -2.52 -14.22
C GLY A 290 -8.00 -2.66 -12.71
N PHE A 291 -8.88 -1.93 -12.04
CA PHE A 291 -8.97 -2.00 -10.59
C PHE A 291 -10.42 -1.95 -10.11
N GLU A 292 -10.80 -2.91 -9.30
CA GLU A 292 -12.16 -3.00 -8.77
C GLU A 292 -12.09 -3.28 -7.27
N ILE A 293 -13.12 -2.86 -6.55
CA ILE A 293 -13.23 -3.04 -5.09
C ILE A 293 -14.61 -3.64 -4.78
N LEU A 294 -14.65 -4.62 -3.88
CA LEU A 294 -15.90 -5.31 -3.56
C LEU A 294 -16.26 -5.44 -2.08
N ARG A 295 -17.55 -5.29 -1.77
CA ARG A 295 -18.01 -5.44 -0.39
C ARG A 295 -18.81 -6.73 -0.21
N ILE A 296 -18.10 -7.82 0.10
CA ILE A 296 -18.72 -9.11 0.31
C ILE A 296 -19.40 -9.11 1.67
N LYS A 297 -20.68 -9.49 1.70
CA LYS A 297 -21.44 -9.55 2.94
C LYS A 297 -20.72 -10.46 3.96
N ASN A 298 -20.48 -9.95 5.16
CA ASN A 298 -19.81 -10.74 6.21
C ASN A 298 -18.40 -11.24 5.93
N GLY A 299 -17.86 -10.97 4.74
CA GLY A 299 -16.53 -11.42 4.37
C GLY A 299 -15.34 -11.41 5.33
N TRP A 300 -15.29 -10.49 6.29
CA TRP A 300 -14.17 -10.38 7.24
C TRP A 300 -14.19 -11.46 8.35
N THR A 301 -15.38 -12.01 8.61
CA THR A 301 -15.58 -13.01 9.65
C THR A 301 -16.08 -14.38 9.17
N GLN A 302 -16.52 -14.44 7.93
CA GLN A 302 -17.01 -15.69 7.37
C GLN A 302 -16.37 -15.87 6.00
N THR A 303 -16.43 -17.09 5.48
CA THR A 303 -15.84 -17.42 4.17
C THR A 303 -16.76 -16.96 3.04
N SER A 304 -17.70 -16.09 3.39
CA SER A 304 -18.69 -15.56 2.46
C SER A 304 -18.21 -15.14 1.08
N LYS A 305 -19.11 -15.29 0.11
CA LYS A 305 -18.85 -14.88 -1.26
C LYS A 305 -20.10 -14.16 -1.67
N GLU A 306 -20.77 -13.58 -0.69
CA GLU A 306 -21.99 -12.85 -0.93
C GLU A 306 -21.68 -11.40 -1.27
N GLN A 307 -21.81 -11.08 -2.55
CA GLN A 307 -21.56 -9.74 -3.04
C GLN A 307 -22.85 -8.94 -3.05
N ILE A 308 -22.71 -7.63 -2.87
CA ILE A 308 -23.85 -6.71 -2.88
C ILE A 308 -23.35 -5.26 -2.86
N ARG A 309 -22.38 -4.99 -3.76
CA ARG A 309 -21.76 -3.68 -3.97
C ARG A 309 -20.40 -3.83 -4.66
N LYS A 310 -20.34 -3.38 -5.91
CA LYS A 310 -19.15 -3.44 -6.73
C LYS A 310 -19.02 -2.16 -7.55
N GLN A 311 -17.81 -1.60 -7.56
CA GLN A 311 -17.52 -0.39 -8.32
C GLN A 311 -16.09 -0.39 -8.84
N VAL A 312 -15.97 -0.14 -10.14
CA VAL A 312 -14.68 -0.10 -10.81
C VAL A 312 -14.17 1.33 -10.83
N VAL A 313 -12.88 1.50 -10.63
CA VAL A 313 -12.27 2.82 -10.67
C VAL A 313 -11.29 2.80 -11.84
N VAL A 314 -11.03 1.61 -12.37
CA VAL A 314 -10.15 1.42 -13.55
C VAL A 314 -10.64 0.21 -14.35
N ASP A 315 -11.26 0.44 -15.51
CA ASP A 315 -11.74 -0.69 -16.31
C ASP A 315 -10.57 -1.59 -16.75
N ASN A 316 -10.89 -2.79 -17.22
CA ASN A 316 -9.86 -3.77 -17.60
C ASN A 316 -9.10 -3.53 -18.91
N LEU A 317 -9.24 -2.34 -19.47
CA LEU A 317 -8.51 -1.99 -20.69
C LEU A 317 -7.42 -1.00 -20.29
N ASN A 318 -7.26 -0.80 -18.98
CA ASN A 318 -6.27 0.14 -18.46
C ASN A 318 -5.29 -0.42 -17.44
N TRP A 319 -4.01 -0.14 -17.63
CA TRP A 319 -3.00 -0.62 -16.69
C TRP A 319 -3.32 -0.12 -15.28
N SER A 320 -3.10 -0.99 -14.31
CA SER A 320 -3.39 -0.68 -12.92
C SER A 320 -2.19 -1.12 -12.10
N GLY A 321 -2.43 -1.87 -11.02
CA GLY A 321 -1.32 -2.33 -10.21
C GLY A 321 -1.51 -2.29 -8.70
N TYR A 322 -0.55 -1.70 -8.00
CA TYR A 322 -0.56 -1.59 -6.54
C TYR A 322 -1.73 -0.78 -6.02
N SER A 323 -2.03 -0.91 -4.74
CA SER A 323 -3.14 -0.19 -4.13
C SER A 323 -3.09 -0.40 -2.62
N GLY A 324 -2.95 0.68 -1.88
CA GLY A 324 -2.88 0.59 -0.44
C GLY A 324 -3.97 1.42 0.21
N SER A 325 -4.08 1.30 1.51
CA SER A 325 -5.09 2.01 2.28
C SER A 325 -4.50 3.16 3.11
N PHE A 326 -5.34 3.65 4.02
CA PHE A 326 -5.01 4.73 4.95
C PHE A 326 -6.34 5.38 5.28
N THR A 327 -6.34 6.24 6.30
CA THR A 327 -7.56 6.93 6.73
C THR A 327 -7.41 8.46 6.74
N LEU A 328 -8.54 9.14 6.71
CA LEU A 328 -8.52 10.60 6.76
C LEU A 328 -8.63 10.94 8.24
N PRO A 329 -7.81 11.88 8.71
CA PRO A 329 -7.95 12.20 10.13
C PRO A 329 -9.27 12.90 10.41
N VAL A 330 -9.78 12.71 11.63
CA VAL A 330 -11.04 13.32 12.06
C VAL A 330 -10.87 14.85 12.09
N GLU A 331 -9.62 15.28 12.13
CA GLU A 331 -9.29 16.69 12.17
C GLU A 331 -9.25 17.26 10.75
N LEU A 332 -9.84 16.52 9.80
CA LEU A 332 -9.89 16.93 8.41
C LEU A 332 -11.25 16.59 7.81
N SER A 333 -11.67 15.34 8.01
CA SER A 333 -12.96 14.86 7.50
C SER A 333 -14.07 15.49 8.32
N GLY A 334 -13.80 15.64 9.61
CA GLY A 334 -14.78 16.22 10.50
C GLY A 334 -15.73 15.16 11.00
N LYS A 335 -15.70 13.97 10.40
CA LYS A 335 -16.59 12.91 10.86
C LYS A 335 -16.23 12.51 12.28
N ASP A 336 -17.10 11.71 12.88
CA ASP A 336 -16.90 11.24 14.23
C ASP A 336 -16.30 9.86 14.06
N CYS A 337 -15.92 9.56 12.83
CA CYS A 337 -15.35 8.26 12.51
C CYS A 337 -14.31 8.38 11.41
N LEU A 338 -13.31 7.50 11.49
CA LEU A 338 -12.21 7.39 10.56
C LEU A 338 -12.61 7.04 9.14
N VAL A 339 -12.76 8.07 8.31
CA VAL A 339 -13.14 7.89 6.91
C VAL A 339 -12.06 7.06 6.19
N PRO A 340 -12.45 5.90 5.66
CA PRO A 340 -11.46 5.07 4.98
C PRO A 340 -11.25 5.46 3.53
N CYS A 341 -9.98 5.46 3.09
CA CYS A 341 -9.62 5.78 1.70
C CYS A 341 -8.50 4.85 1.25
N PHE A 342 -8.18 4.91 -0.03
CA PHE A 342 -7.12 4.08 -0.60
C PHE A 342 -6.67 4.71 -1.90
N TRP A 343 -5.55 4.22 -2.42
CA TRP A 343 -5.04 4.73 -3.69
C TRP A 343 -4.83 3.55 -4.62
N VAL A 344 -4.66 3.84 -5.90
CA VAL A 344 -4.46 2.82 -6.93
C VAL A 344 -3.26 3.23 -7.71
N GLU A 345 -2.29 2.35 -7.85
CA GLU A 345 -1.09 2.66 -8.62
C GLU A 345 -1.34 2.20 -10.05
N MET A 346 -1.03 3.05 -11.01
CA MET A 346 -1.24 2.70 -12.40
C MET A 346 0.12 2.69 -13.04
N ILE A 347 0.66 1.48 -13.19
CA ILE A 347 2.00 1.29 -13.76
C ILE A 347 1.93 1.46 -15.26
N ARG A 348 3.09 1.66 -15.88
CA ARG A 348 3.18 1.84 -17.31
C ARG A 348 4.54 1.42 -17.83
N GLY A 349 4.61 1.19 -19.13
CA GLY A 349 5.85 0.79 -19.75
C GLY A 349 6.22 -0.58 -19.22
N LYS A 350 7.50 -0.93 -19.30
CA LYS A 350 7.94 -2.23 -18.82
C LYS A 350 7.32 -2.53 -17.47
N PRO A 351 7.04 -3.81 -17.21
CA PRO A 351 7.30 -4.88 -18.18
C PRO A 351 6.27 -4.98 -19.32
N GLU A 352 5.03 -4.64 -19.01
CA GLU A 352 3.94 -4.74 -19.95
C GLU A 352 4.02 -4.03 -21.31
N GLU A 353 4.71 -2.89 -21.38
CA GLU A 353 4.82 -2.16 -22.63
C GLU A 353 6.25 -2.00 -23.14
N LYS A 354 6.39 -1.83 -24.45
CA LYS A 354 7.68 -1.67 -25.11
C LYS A 354 8.23 -0.27 -24.87
N THR A 355 8.96 -0.13 -23.77
CA THR A 355 9.57 1.14 -23.37
C THR A 355 10.86 0.80 -22.61
N ILE A 356 11.81 1.74 -22.59
CA ILE A 356 13.07 1.50 -21.87
C ILE A 356 12.87 1.85 -20.41
N TRP A 357 11.68 2.30 -20.04
CA TRP A 357 11.42 2.70 -18.68
C TRP A 357 10.17 2.06 -18.08
N THR A 358 9.99 2.31 -16.79
CA THR A 358 8.87 1.82 -16.02
C THR A 358 8.59 2.83 -14.92
N SER A 359 7.31 3.07 -14.67
CA SER A 359 6.92 4.04 -13.68
C SER A 359 5.43 3.81 -13.51
N SER A 360 4.77 4.72 -12.80
CA SER A 360 3.33 4.59 -12.57
C SER A 360 2.73 5.93 -12.18
N SER A 361 1.40 5.94 -12.08
CA SER A 361 0.66 7.13 -11.69
C SER A 361 -0.25 6.66 -10.57
N SER A 362 -0.90 7.58 -9.86
CA SER A 362 -1.78 7.16 -8.79
C SER A 362 -3.14 7.86 -8.83
N ILE A 363 -4.12 7.25 -8.18
CA ILE A 363 -5.47 7.76 -8.12
C ILE A 363 -5.95 7.51 -6.70
N VAL A 364 -6.55 8.54 -6.11
CA VAL A 364 -7.00 8.47 -4.73
C VAL A 364 -8.51 8.49 -4.57
N MET A 365 -9.04 7.42 -3.99
CA MET A 365 -10.47 7.28 -3.75
C MET A 365 -10.72 7.40 -2.24
N CYS A 366 -11.90 7.82 -1.83
CA CYS A 366 -12.19 8.03 -0.42
C CYS A 366 -13.61 7.73 0.04
N GLY A 367 -13.70 6.98 1.14
CA GLY A 367 -14.97 6.60 1.74
C GLY A 367 -16.19 7.32 1.21
N VAL A 368 -16.96 7.95 2.10
CA VAL A 368 -18.19 8.65 1.73
C VAL A 368 -19.33 7.65 1.97
N ASP A 369 -20.54 8.15 2.22
CA ASP A 369 -21.68 7.26 2.47
C ASP A 369 -22.71 7.30 1.32
N TYR A 370 -22.19 7.28 0.09
CA TYR A 370 -23.01 7.32 -1.12
C TYR A 370 -22.41 6.34 -2.13
N GLU A 371 -23.25 5.55 -2.79
CA GLU A 371 -22.77 4.57 -3.77
C GLU A 371 -22.31 5.24 -5.06
N VAL A 372 -20.99 5.16 -5.33
CA VAL A 372 -20.37 5.76 -6.50
C VAL A 372 -20.32 4.92 -7.79
N ALA A 373 -20.83 5.51 -8.88
CA ALA A 373 -20.86 4.90 -10.22
C ALA A 373 -19.48 4.49 -10.75
N ASP A 374 -19.44 3.37 -11.47
CA ASP A 374 -18.20 2.83 -12.03
C ASP A 374 -17.61 3.70 -13.14
N TRP A 375 -16.29 3.89 -13.12
CA TRP A 375 -15.64 4.69 -14.13
C TRP A 375 -14.14 4.38 -14.23
N SER A 376 -13.49 4.97 -15.22
CA SER A 376 -12.06 4.77 -15.38
C SER A 376 -11.35 6.12 -15.35
N TRP A 377 -10.42 6.25 -14.41
CA TRP A 377 -9.63 7.45 -14.24
C TRP A 377 -8.18 7.00 -14.46
N HIS A 378 -7.95 6.28 -15.55
CA HIS A 378 -6.64 5.71 -15.90
C HIS A 378 -5.51 6.68 -16.19
N ASP A 379 -4.28 6.14 -16.22
CA ASP A 379 -3.07 6.93 -16.46
C ASP A 379 -3.24 7.98 -17.55
N GLY A 380 -3.22 7.55 -18.82
CA GLY A 380 -3.40 8.47 -19.95
C GLY A 380 -2.23 8.67 -20.90
N ALA A 381 -1.03 8.43 -20.39
CA ALA A 381 0.18 8.62 -21.16
C ALA A 381 0.16 7.94 -22.53
N ILE A 382 0.89 8.51 -23.49
CA ILE A 382 0.96 7.92 -24.84
C ILE A 382 2.31 7.26 -25.04
N LEU A 383 2.37 5.95 -24.82
CA LEU A 383 3.63 5.23 -24.97
C LEU A 383 3.86 4.74 -26.40
N PRO A 384 5.13 4.71 -26.82
CA PRO A 384 6.27 5.11 -25.98
C PRO A 384 6.43 6.63 -25.96
N PHE A 385 7.31 7.12 -25.09
CA PHE A 385 7.61 8.55 -24.99
C PHE A 385 8.74 8.86 -25.96
N ASP A 386 9.24 10.10 -25.90
CA ASP A 386 10.36 10.53 -26.76
C ASP A 386 11.51 9.56 -26.44
N ILE A 387 11.12 8.42 -25.88
CA ILE A 387 11.95 7.30 -25.46
C ILE A 387 13.44 7.60 -25.37
#